data_6WC5
#
_entry.id   6WC5
#
_cell.length_a   66.040
_cell.length_b   93.240
_cell.length_c   136.500
_cell.angle_alpha   90.000
_cell.angle_beta   90.000
_cell.angle_gamma   90.000
#
_symmetry.space_group_name_H-M   'P 21 21 21'
#
loop_
_entity.id
_entity.type
_entity.pdbx_description
1 polymer 'Myocyte-specific enhancer factor 2B'
2 polymer 'Myocardin enhancer DNA'
3 polymer 'Myocardin enhancer DNA'
4 polymer 'Homeobox protein Nkx-2.5'
5 water water
#
loop_
_entity_poly.entity_id
_entity_poly.type
_entity_poly.pdbx_seq_one_letter_code
_entity_poly.pdbx_strand_id
1 'polypeptide(L)'
;GRKKIQISRILDQRNRQVTFTKRKFGLMKKAYELSVLCDCEIALIIFNSANRLFQYASTDMDRVLLKYTEYSEPHESRTN
TDILETLKRR
;
A,B,C,D
2 'polydeoxyribonucleotide'
;(DA)(DA)(DG)(DC)(DA)(DC)(DT)(DT)(DT)(DC)(DT)(DT)(DA)(DA)(DA)(DA)(DT)(DA)(DG)(DT)
(DG)(DG)
;
E,G
3 'polydeoxyribonucleotide'
;(DC)(DC)(DA)(DC)(DT)(DA)(DT)(DT)(DT)(DT)(DA)(DA)(DG)(DA)(DA)(DA)(DG)(DT)(DG)(DC)
(DT)(DT)
;
F,H
4 'polypeptide(L)' KPRVLFSQAQVYELERRFKQQRYLSAPERDQLASVLKLTSTQVKIWFQNRRYKSKRQ I,N
#
loop_
_chem_comp.id
_chem_comp.type
_chem_comp.name
_chem_comp.formula
DA DNA linking 2'-DEOXYADENOSINE-5'-MONOPHOSPHATE 'C10 H14 N5 O6 P'
DC DNA linking 2'-DEOXYCYTIDINE-5'-MONOPHOSPHATE 'C9 H14 N3 O7 P'
DG DNA linking 2'-DEOXYGUANOSINE-5'-MONOPHOSPHATE 'C10 H14 N5 O7 P'
DT DNA linking THYMIDINE-5'-MONOPHOSPHATE 'C10 H15 N2 O8 P'
#
# COMPACT_ATOMS: atom_id res chain seq x y z
N GLY A 1 19.88 -25.09 -1.18
CA GLY A 1 19.20 -26.09 -0.30
C GLY A 1 19.97 -27.40 -0.23
N ARG A 2 19.70 -28.19 0.81
CA ARG A 2 20.35 -29.52 1.05
C ARG A 2 20.03 -30.47 -0.10
N LYS A 3 18.89 -30.27 -0.78
CA LYS A 3 18.48 -31.01 -1.99
C LYS A 3 18.01 -30.00 -3.05
N LYS A 4 18.28 -30.27 -4.32
CA LYS A 4 17.71 -29.52 -5.47
C LYS A 4 16.24 -29.91 -5.62
N ILE A 5 15.33 -28.94 -5.65
CA ILE A 5 13.86 -29.19 -5.79
C ILE A 5 13.44 -28.82 -7.22
N GLN A 6 12.59 -29.65 -7.82
CA GLN A 6 11.91 -29.35 -9.11
C GLN A 6 10.81 -28.31 -8.83
N ILE A 7 10.54 -27.44 -9.80
CA ILE A 7 9.52 -26.35 -9.69
C ILE A 7 8.16 -26.94 -10.08
N SER A 8 7.47 -27.52 -9.10
CA SER A 8 6.07 -28.00 -9.19
C SER A 8 5.38 -27.75 -7.84
N ARG A 9 4.04 -27.67 -7.86
CA ARG A 9 3.20 -27.54 -6.63
C ARG A 9 3.76 -28.47 -5.55
N ILE A 10 4.16 -27.93 -4.40
CA ILE A 10 4.53 -28.72 -3.20
C ILE A 10 3.26 -29.40 -2.68
N LEU A 11 3.26 -30.75 -2.65
CA LEU A 11 2.08 -31.60 -2.28
C LEU A 11 2.29 -32.15 -0.86
N ASP A 12 2.51 -31.24 0.08
CA ASP A 12 2.67 -31.47 1.53
C ASP A 12 2.34 -30.13 2.20
N GLN A 13 1.13 -30.01 2.77
CA GLN A 13 0.50 -28.72 3.18
C GLN A 13 1.49 -27.90 4.03
N ARG A 14 2.13 -28.55 4.99
CA ARG A 14 2.98 -27.90 6.02
C ARG A 14 4.26 -27.37 5.36
N ASN A 15 4.91 -28.23 4.54
CA ASN A 15 6.07 -27.87 3.70
C ASN A 15 5.71 -26.66 2.83
N ARG A 16 4.52 -26.69 2.20
CA ARG A 16 4.04 -25.58 1.33
C ARG A 16 4.01 -24.27 2.11
N GLN A 17 3.55 -24.31 3.37
CA GLN A 17 3.34 -23.10 4.20
C GLN A 17 4.70 -22.55 4.67
N VAL A 18 5.65 -23.42 5.03
CA VAL A 18 7.01 -22.99 5.50
C VAL A 18 7.77 -22.41 4.31
N THR A 19 7.78 -23.11 3.17
CA THR A 19 8.44 -22.68 1.92
C THR A 19 7.86 -21.33 1.51
N PHE A 20 6.54 -21.18 1.57
CA PHE A 20 5.84 -19.93 1.20
C PHE A 20 6.39 -18.75 2.02
N THR A 21 6.36 -18.83 3.36
CA THR A 21 6.77 -17.71 4.24
C THR A 21 8.24 -17.35 3.99
N LYS A 22 9.12 -18.35 3.84
CA LYS A 22 10.56 -18.14 3.52
C LYS A 22 10.71 -17.34 2.21
N ARG A 23 10.11 -17.87 1.13
CA ARG A 23 10.32 -17.36 -0.24
C ARG A 23 9.59 -16.02 -0.43
N LYS A 24 8.55 -15.76 0.36
CA LYS A 24 7.78 -14.48 0.32
C LYS A 24 8.68 -13.38 0.89
N PHE A 25 9.36 -13.66 2.00
CA PHE A 25 10.34 -12.72 2.61
C PHE A 25 11.46 -12.46 1.60
N GLY A 26 12.05 -13.54 1.06
CA GLY A 26 13.13 -13.47 0.06
C GLY A 26 12.74 -12.61 -1.13
N LEU A 27 11.51 -12.78 -1.63
CA LEU A 27 10.98 -12.05 -2.81
C LEU A 27 10.83 -10.56 -2.46
N MET A 28 10.24 -10.25 -1.31
CA MET A 28 10.05 -8.85 -0.86
C MET A 28 11.41 -8.19 -0.61
N LYS A 29 12.37 -8.95 -0.07
CA LYS A 29 13.75 -8.47 0.19
C LYS A 29 14.38 -8.07 -1.14
N LYS A 30 14.31 -8.94 -2.16
CA LYS A 30 14.88 -8.68 -3.50
C LYS A 30 14.17 -7.48 -4.14
N ALA A 31 12.85 -7.40 -4.01
CA ALA A 31 12.05 -6.24 -4.52
C ALA A 31 12.56 -4.95 -3.88
N TYR A 32 12.81 -4.97 -2.57
CA TYR A 32 13.35 -3.80 -1.81
C TYR A 32 14.72 -3.41 -2.36
N GLU A 33 15.62 -4.39 -2.49
CA GLU A 33 17.01 -4.21 -2.98
C GLU A 33 16.98 -3.57 -4.37
N LEU A 34 16.17 -4.10 -5.28
CA LEU A 34 16.02 -3.59 -6.66
C LEU A 34 15.56 -2.13 -6.59
N SER A 35 14.50 -1.86 -5.83
CA SER A 35 13.88 -0.51 -5.69
C SER A 35 14.96 0.52 -5.33
N VAL A 36 15.80 0.19 -4.34
CA VAL A 36 16.84 1.09 -3.75
C VAL A 36 18.04 1.20 -4.71
N LEU A 37 18.56 0.05 -5.18
CA LEU A 37 19.77 -0.03 -6.04
C LEU A 37 19.54 0.71 -7.36
N CYS A 38 18.39 0.53 -8.00
CA CYS A 38 18.12 0.98 -9.39
C CYS A 38 17.08 2.10 -9.43
N ASP A 39 16.74 2.68 -8.28
CA ASP A 39 15.80 3.84 -8.18
C ASP A 39 14.54 3.50 -8.99
N CYS A 40 13.78 2.51 -8.53
CA CYS A 40 12.60 1.91 -9.21
C CYS A 40 11.36 2.00 -8.32
N GLU A 41 10.18 2.10 -8.92
CA GLU A 41 8.87 2.00 -8.23
C GLU A 41 8.32 0.58 -8.46
N ILE A 42 8.21 -0.21 -7.40
CA ILE A 42 7.77 -1.63 -7.46
C ILE A 42 6.50 -1.82 -6.62
N ALA A 43 5.55 -2.59 -7.13
CA ALA A 43 4.36 -3.11 -6.40
C ALA A 43 4.32 -4.63 -6.54
N LEU A 44 4.12 -5.32 -5.43
CA LEU A 44 4.08 -6.81 -5.36
C LEU A 44 2.84 -7.24 -4.57
N ILE A 45 1.92 -7.96 -5.21
CA ILE A 45 0.66 -8.46 -4.60
C ILE A 45 0.69 -9.99 -4.63
N ILE A 46 0.58 -10.64 -3.47
CA ILE A 46 0.66 -12.12 -3.31
C ILE A 46 -0.59 -12.63 -2.59
N PHE A 47 -1.32 -13.56 -3.20
CA PHE A 47 -2.43 -14.33 -2.58
C PHE A 47 -1.99 -15.79 -2.42
N ASN A 48 -1.89 -16.27 -1.18
CA ASN A 48 -1.45 -17.66 -0.87
C ASN A 48 -2.60 -18.64 -1.18
N SER A 49 -2.35 -19.94 -1.01
CA SER A 49 -3.31 -21.05 -1.26
C SER A 49 -4.65 -20.77 -0.56
N ALA A 50 -4.63 -20.15 0.62
CA ALA A 50 -5.81 -19.86 1.47
C ALA A 50 -6.46 -18.52 1.09
N ASN A 51 -5.98 -17.85 0.03
CA ASN A 51 -6.49 -16.57 -0.52
C ASN A 51 -6.29 -15.42 0.49
N ARG A 52 -5.27 -15.52 1.35
CA ARG A 52 -4.84 -14.41 2.25
C ARG A 52 -3.88 -13.49 1.48
N LEU A 53 -4.03 -12.18 1.64
CA LEU A 53 -3.27 -11.15 0.87
C LEU A 53 -2.02 -10.73 1.63
N PHE A 54 -0.90 -10.60 0.91
CA PHE A 54 0.38 -9.99 1.38
C PHE A 54 0.87 -9.05 0.27
N GLN A 55 1.22 -7.80 0.62
CA GLN A 55 1.64 -6.79 -0.40
C GLN A 55 2.89 -6.05 0.06
N TYR A 56 3.76 -5.73 -0.91
CA TYR A 56 4.89 -4.79 -0.80
C TYR A 56 4.72 -3.69 -1.86
N ALA A 57 5.06 -2.46 -1.52
CA ALA A 57 5.25 -1.34 -2.48
C ALA A 57 6.46 -0.52 -2.06
N SER A 58 7.31 -0.09 -3.00
CA SER A 58 8.52 0.72 -2.73
C SER A 58 8.13 1.94 -1.90
N THR A 59 7.20 2.77 -2.40
CA THR A 59 6.73 4.01 -1.73
C THR A 59 5.29 3.85 -1.27
N ASP A 60 4.36 3.59 -2.21
CA ASP A 60 2.90 3.63 -1.98
C ASP A 60 2.19 2.87 -3.10
N MET A 61 1.44 1.82 -2.75
CA MET A 61 0.73 0.90 -3.68
C MET A 61 -0.16 1.70 -4.64
N ASP A 62 -0.95 2.63 -4.10
CA ASP A 62 -2.01 3.33 -4.87
C ASP A 62 -1.36 4.18 -5.96
N ARG A 63 -0.26 4.89 -5.67
CA ARG A 63 0.49 5.74 -6.62
C ARG A 63 1.00 4.89 -7.80
N VAL A 64 1.57 3.72 -7.51
CA VAL A 64 2.12 2.80 -8.55
C VAL A 64 0.97 2.29 -9.42
N LEU A 65 -0.12 1.82 -8.81
CA LEU A 65 -1.31 1.27 -9.52
C LEU A 65 -1.97 2.34 -10.38
N LEU A 66 -2.05 3.58 -9.89
CA LEU A 66 -2.55 4.75 -10.67
C LEU A 66 -1.68 4.90 -11.91
N LYS A 67 -0.35 4.97 -11.74
CA LYS A 67 0.63 5.13 -12.85
C LYS A 67 0.46 3.97 -13.85
N TYR A 68 0.08 2.81 -13.33
CA TYR A 68 -0.09 1.58 -14.14
C TYR A 68 -1.44 1.58 -14.83
N THR A 69 -2.44 2.23 -14.20
CA THR A 69 -3.81 2.31 -14.76
C THR A 69 -3.76 2.97 -16.14
N GLU A 70 -3.31 4.23 -16.21
CA GLU A 70 -3.22 4.97 -17.50
C GLU A 70 -1.84 4.75 -18.11
N TYR A 71 -1.66 3.65 -18.86
CA TYR A 71 -0.36 3.34 -19.51
C TYR A 71 -0.59 2.35 -20.65
N SER A 72 -0.90 2.87 -21.85
CA SER A 72 -1.15 2.02 -23.04
C SER A 72 0.06 2.07 -23.98
N GLU A 73 1.18 1.46 -23.55
CA GLU A 73 2.41 1.44 -24.38
C GLU A 73 3.02 0.03 -24.36
N PRO A 74 3.51 -0.51 -25.50
CA PRO A 74 4.10 -1.84 -25.53
C PRO A 74 5.18 -2.00 -24.46
N HIS A 75 4.87 -2.76 -23.39
CA HIS A 75 5.83 -2.99 -22.28
C HIS A 75 5.91 -4.49 -21.96
N GLU A 76 7.04 -4.93 -21.40
CA GLU A 76 7.23 -6.36 -21.04
C GLU A 76 6.07 -6.81 -20.17
N SER A 77 5.32 -7.82 -20.61
CA SER A 77 4.15 -8.33 -19.85
C SER A 77 4.19 -9.86 -19.79
N ARG A 78 4.66 -10.44 -18.67
CA ARG A 78 5.02 -11.88 -18.57
C ARG A 78 4.02 -12.60 -17.64
N THR A 79 3.65 -13.84 -18.00
CA THR A 79 2.83 -14.77 -17.19
C THR A 79 3.63 -16.06 -16.98
N ASN A 80 3.12 -16.98 -16.15
CA ASN A 80 3.75 -18.30 -15.89
C ASN A 80 3.98 -19.03 -17.23
N THR A 81 3.04 -18.92 -18.18
CA THR A 81 3.12 -19.63 -19.49
C THR A 81 4.36 -19.13 -20.23
N ASP A 82 4.47 -17.82 -20.48
CA ASP A 82 5.58 -17.17 -21.21
C ASP A 82 6.92 -17.49 -20.51
N ILE A 83 6.93 -17.48 -19.17
CA ILE A 83 8.14 -17.78 -18.34
C ILE A 83 8.60 -19.21 -18.64
N LEU A 84 7.68 -20.18 -18.59
CA LEU A 84 7.99 -21.62 -18.86
C LEU A 84 8.82 -21.73 -20.15
N GLU A 85 8.39 -21.07 -21.23
CA GLU A 85 9.08 -21.11 -22.55
C GLU A 85 10.49 -20.48 -22.42
N THR A 86 10.57 -19.31 -21.79
CA THR A 86 11.83 -18.53 -21.64
C THR A 86 12.88 -19.33 -20.85
N LEU A 87 12.47 -20.24 -19.95
CA LEU A 87 13.39 -21.01 -19.07
C LEU A 87 14.10 -22.16 -19.83
N LYS A 88 13.53 -22.67 -20.94
CA LYS A 88 14.29 -23.57 -21.87
C LYS A 88 15.38 -22.76 -22.61
N ARG A 89 16.58 -22.71 -22.01
CA ARG A 89 17.75 -21.90 -22.46
C ARG A 89 18.09 -22.25 -23.92
N GLY B 1 27.89 -11.49 -7.15
CA GLY B 1 29.00 -12.27 -6.56
C GLY B 1 30.36 -11.66 -6.87
N ARG B 2 31.38 -12.02 -6.10
CA ARG B 2 32.73 -11.39 -6.11
C ARG B 2 32.56 -9.94 -5.62
N LYS B 3 32.71 -9.76 -4.32
CA LYS B 3 32.58 -8.48 -3.55
C LYS B 3 31.13 -8.30 -3.06
N LYS B 4 30.99 -7.94 -1.79
CA LYS B 4 29.70 -7.57 -1.17
C LYS B 4 29.35 -6.16 -1.65
N ILE B 5 28.14 -5.94 -2.16
CA ILE B 5 27.65 -4.57 -2.50
C ILE B 5 26.67 -4.10 -1.41
N GLN B 6 26.80 -2.84 -1.00
CA GLN B 6 25.85 -2.15 -0.10
C GLN B 6 24.57 -1.86 -0.88
N ILE B 7 23.42 -1.88 -0.22
CA ILE B 7 22.10 -1.58 -0.86
C ILE B 7 21.89 -0.06 -0.77
N SER B 8 22.41 0.66 -1.77
CA SER B 8 22.24 2.12 -1.95
C SER B 8 22.15 2.42 -3.45
N ARG B 9 21.50 3.53 -3.82
CA ARG B 9 21.33 3.96 -5.24
C ARG B 9 22.67 3.79 -5.97
N ILE B 10 22.70 2.97 -7.03
CA ILE B 10 23.88 2.84 -7.93
C ILE B 10 24.04 4.17 -8.67
N LEU B 11 25.20 4.81 -8.51
CA LEU B 11 25.47 6.18 -9.01
C LEU B 11 25.57 6.18 -10.53
N ASP B 12 26.20 5.17 -11.13
CA ASP B 12 26.60 5.13 -12.56
C ASP B 12 25.45 4.57 -13.42
N GLN B 13 24.84 5.43 -14.24
CA GLN B 13 23.65 5.14 -15.11
C GLN B 13 23.77 3.77 -15.77
N ARG B 14 24.91 3.44 -16.37
CA ARG B 14 25.09 2.21 -17.20
C ARG B 14 25.09 0.98 -16.29
N ASN B 15 25.86 1.04 -15.19
CA ASN B 15 25.87 0.01 -14.11
C ASN B 15 24.43 -0.20 -13.62
N ARG B 16 23.70 0.90 -13.37
CA ARG B 16 22.30 0.85 -12.88
C ARG B 16 21.44 0.05 -13.87
N GLN B 17 21.63 0.25 -15.17
CA GLN B 17 20.78 -0.36 -16.23
C GLN B 17 21.10 -1.85 -16.35
N VAL B 18 22.38 -2.25 -16.25
CA VAL B 18 22.79 -3.69 -16.33
C VAL B 18 22.27 -4.43 -15.09
N THR B 19 22.51 -3.86 -13.90
CA THR B 19 22.06 -4.43 -12.60
C THR B 19 20.53 -4.57 -12.63
N PHE B 20 19.83 -3.55 -13.13
CA PHE B 20 18.35 -3.53 -13.23
C PHE B 20 17.86 -4.74 -14.02
N THR B 21 18.33 -4.92 -15.26
CA THR B 21 17.83 -6.00 -16.17
C THR B 21 18.12 -7.37 -15.53
N LYS B 22 19.30 -7.56 -14.94
CA LYS B 22 19.67 -8.82 -14.23
C LYS B 22 18.67 -9.10 -13.10
N ARG B 23 18.52 -8.15 -12.19
CA ARG B 23 17.74 -8.32 -10.93
C ARG B 23 16.23 -8.38 -11.21
N LYS B 24 15.79 -7.79 -12.32
CA LYS B 24 14.37 -7.82 -12.76
C LYS B 24 14.03 -9.24 -13.20
N PHE B 25 14.92 -9.87 -13.97
CA PHE B 25 14.76 -11.28 -14.40
C PHE B 25 14.74 -12.16 -13.14
N GLY B 26 15.74 -12.00 -12.27
CA GLY B 26 15.86 -12.74 -11.01
C GLY B 26 14.59 -12.66 -10.18
N LEU B 27 14.03 -11.45 -10.06
CA LEU B 27 12.81 -11.16 -9.26
C LEU B 27 11.61 -11.88 -9.88
N MET B 28 11.43 -11.75 -11.21
CA MET B 28 10.31 -12.41 -11.93
C MET B 28 10.47 -13.93 -11.83
N LYS B 29 11.70 -14.45 -11.91
CA LYS B 29 11.98 -15.90 -11.79
C LYS B 29 11.54 -16.39 -10.41
N LYS B 30 11.92 -15.68 -9.35
CA LYS B 30 11.56 -16.05 -7.95
C LYS B 30 10.04 -15.96 -7.79
N ALA B 31 9.40 -14.92 -8.34
CA ALA B 31 7.92 -14.76 -8.32
C ALA B 31 7.27 -15.98 -8.97
N TYR B 32 7.80 -16.42 -10.12
CA TYR B 32 7.30 -17.61 -10.86
C TYR B 32 7.41 -18.86 -9.97
N GLU B 33 8.60 -19.07 -9.39
CA GLU B 33 8.93 -20.25 -8.53
C GLU B 33 7.94 -20.30 -7.37
N LEU B 34 7.75 -19.18 -6.67
CA LEU B 34 6.82 -19.07 -5.53
C LEU B 34 5.40 -19.46 -5.99
N SER B 35 4.94 -18.84 -7.08
CA SER B 35 3.58 -19.04 -7.64
C SER B 35 3.30 -20.53 -7.83
N VAL B 36 4.26 -21.26 -8.43
CA VAL B 36 4.14 -22.69 -8.82
C VAL B 36 4.31 -23.57 -7.57
N LEU B 37 5.35 -23.34 -6.77
CA LEU B 37 5.69 -24.16 -5.57
C LEU B 37 4.54 -24.12 -4.55
N CYS B 38 3.99 -22.94 -4.28
CA CYS B 38 3.05 -22.70 -3.14
C CYS B 38 1.63 -22.40 -3.64
N ASP B 39 1.37 -22.62 -4.94
CA ASP B 39 0.02 -22.47 -5.55
C ASP B 39 -0.55 -21.11 -5.11
N CYS B 40 0.07 -20.02 -5.55
CA CYS B 40 -0.35 -18.63 -5.16
C CYS B 40 -0.52 -17.76 -6.41
N GLU B 41 -1.35 -16.72 -6.29
CA GLU B 41 -1.60 -15.71 -7.35
C GLU B 41 -0.75 -14.47 -7.04
N ILE B 42 0.22 -14.17 -7.91
CA ILE B 42 1.20 -13.05 -7.72
C ILE B 42 1.05 -12.07 -8.89
N ALA B 43 1.12 -10.77 -8.57
CA ALA B 43 1.22 -9.65 -9.53
C ALA B 43 2.44 -8.81 -9.15
N LEU B 44 3.28 -8.48 -10.13
CA LEU B 44 4.52 -7.67 -9.94
C LEU B 44 4.53 -6.56 -10.98
N ILE B 45 4.53 -5.30 -10.53
CA ILE B 45 4.58 -4.09 -11.42
C ILE B 45 5.86 -3.32 -11.10
N ILE B 46 6.72 -3.11 -12.10
CA ILE B 46 8.04 -2.42 -11.97
C ILE B 46 8.10 -1.24 -12.94
N PHE B 47 8.36 -0.04 -12.42
CA PHE B 47 8.69 1.19 -13.19
C PHE B 47 10.16 1.55 -12.93
N ASN B 48 10.99 1.51 -13.97
CA ASN B 48 12.45 1.79 -13.86
C ASN B 48 12.65 3.30 -13.75
N SER B 49 13.90 3.74 -13.59
CA SER B 49 14.30 5.17 -13.46
C SER B 49 13.71 6.01 -14.60
N ALA B 50 13.59 5.44 -15.80
CA ALA B 50 13.10 6.11 -17.03
C ALA B 50 11.56 6.04 -17.13
N ASN B 51 10.89 5.48 -16.11
CA ASN B 51 9.41 5.36 -16.01
C ASN B 51 8.85 4.41 -17.08
N ARG B 52 9.66 3.45 -17.54
CA ARG B 52 9.22 2.36 -18.45
C ARG B 52 8.62 1.23 -17.59
N LEU B 53 7.51 0.64 -18.04
CA LEU B 53 6.74 -0.38 -17.28
C LEU B 53 7.21 -1.79 -17.66
N PHE B 54 7.36 -2.66 -16.67
CA PHE B 54 7.58 -4.12 -16.81
C PHE B 54 6.65 -4.83 -15.81
N GLN B 55 5.86 -5.82 -16.25
CA GLN B 55 4.90 -6.51 -15.35
C GLN B 55 5.00 -8.03 -15.51
N TYR B 56 4.85 -8.75 -14.39
CA TYR B 56 4.61 -10.22 -14.32
C TYR B 56 3.31 -10.48 -13.57
N ALA B 57 2.56 -11.49 -14.00
CA ALA B 57 1.40 -12.04 -13.25
C ALA B 57 1.39 -13.56 -13.39
N SER B 58 1.13 -14.30 -12.31
CA SER B 58 1.10 -15.79 -12.32
C SER B 58 0.16 -16.28 -13.43
N THR B 59 -1.10 -15.84 -13.38
CA THR B 59 -2.22 -16.28 -14.25
C THR B 59 -2.61 -15.14 -15.20
N ASP B 60 -3.02 -13.99 -14.66
CA ASP B 60 -3.66 -12.85 -15.36
C ASP B 60 -3.68 -11.66 -14.41
N MET B 61 -3.06 -10.54 -14.79
CA MET B 61 -2.93 -9.31 -13.98
C MET B 61 -4.32 -8.83 -13.53
N ASP B 62 -5.29 -8.78 -14.44
CA ASP B 62 -6.63 -8.19 -14.19
C ASP B 62 -7.33 -8.96 -13.06
N ARG B 63 -7.29 -10.30 -13.09
CA ARG B 63 -7.92 -11.21 -12.10
C ARG B 63 -7.34 -10.93 -10.71
N VAL B 64 -6.01 -10.81 -10.61
CA VAL B 64 -5.30 -10.58 -9.32
C VAL B 64 -5.71 -9.19 -8.78
N LEU B 65 -5.66 -8.15 -9.63
CA LEU B 65 -5.98 -6.76 -9.24
C LEU B 65 -7.46 -6.64 -8.83
N LEU B 66 -8.36 -7.34 -9.51
CA LEU B 66 -9.80 -7.41 -9.14
C LEU B 66 -9.89 -7.98 -7.72
N LYS B 67 -9.28 -9.15 -7.49
CA LYS B 67 -9.28 -9.84 -6.16
C LYS B 67 -8.71 -8.90 -5.09
N TYR B 68 -7.73 -8.06 -5.45
CA TYR B 68 -7.06 -7.08 -4.56
C TYR B 68 -8.05 -5.99 -4.16
N THR B 69 -8.65 -5.32 -5.15
CA THR B 69 -9.59 -4.18 -4.96
C THR B 69 -10.70 -4.56 -3.99
N GLU B 70 -11.20 -5.80 -4.09
CA GLU B 70 -12.39 -6.33 -3.40
C GLU B 70 -11.94 -7.35 -2.34
N TYR B 71 -10.80 -7.11 -1.69
CA TYR B 71 -10.35 -7.92 -0.51
C TYR B 71 -11.12 -7.49 0.75
N SER B 72 -11.14 -6.20 1.09
CA SER B 72 -11.92 -5.61 2.22
C SER B 72 -11.53 -6.26 3.56
N GLU B 73 -10.26 -6.13 3.94
CA GLU B 73 -9.71 -6.62 5.23
C GLU B 73 -8.29 -6.08 5.40
N PRO B 74 -7.79 -5.93 6.64
CA PRO B 74 -6.37 -5.61 6.85
C PRO B 74 -5.49 -6.77 6.40
N HIS B 75 -4.26 -6.45 5.99
CA HIS B 75 -3.29 -7.37 5.34
C HIS B 75 -1.87 -6.86 5.60
N GLU B 76 -0.86 -7.72 5.42
CA GLU B 76 0.57 -7.32 5.38
C GLU B 76 0.74 -6.29 4.26
N SER B 77 1.13 -5.06 4.61
CA SER B 77 1.29 -3.91 3.70
C SER B 77 2.61 -3.19 4.01
N ARG B 78 3.65 -3.48 3.22
CA ARG B 78 5.05 -3.04 3.49
C ARG B 78 5.48 -2.00 2.47
N THR B 79 6.27 -1.00 2.92
CA THR B 79 6.96 0.02 2.08
C THR B 79 8.47 -0.12 2.30
N ASN B 80 9.29 0.54 1.48
CA ASN B 80 10.77 0.57 1.61
C ASN B 80 11.15 1.00 3.04
N THR B 81 10.43 1.99 3.60
CA THR B 81 10.70 2.55 4.95
C THR B 81 10.57 1.44 5.99
N ASP B 82 9.41 0.79 6.07
CA ASP B 82 9.07 -0.30 7.03
C ASP B 82 10.08 -1.45 6.87
N ILE B 83 10.45 -1.77 5.62
CA ILE B 83 11.42 -2.85 5.29
C ILE B 83 12.78 -2.51 5.92
N LEU B 84 13.28 -1.29 5.68
CA LEU B 84 14.59 -0.80 6.20
C LEU B 84 14.68 -1.08 7.71
N GLU B 85 13.61 -0.77 8.45
CA GLU B 85 13.52 -0.96 9.93
C GLU B 85 13.58 -2.45 10.26
N THR B 86 12.81 -3.29 9.54
CA THR B 86 12.74 -4.76 9.77
C THR B 86 14.12 -5.41 9.55
N LEU B 87 14.94 -4.87 8.63
CA LEU B 87 16.28 -5.44 8.28
C LEU B 87 17.33 -4.97 9.31
N LYS B 88 17.19 -3.74 9.83
CA LYS B 88 18.18 -3.13 10.77
C LYS B 88 18.08 -3.82 12.14
N ARG B 89 16.92 -4.40 12.49
CA ARG B 89 16.64 -4.96 13.84
C ARG B 89 17.22 -6.38 14.02
N ARG B 90 17.63 -7.07 12.94
CA ARG B 90 18.18 -8.45 12.99
C ARG B 90 19.68 -8.38 13.33
N GLY C 1 -34.32 12.24 16.32
CA GLY C 1 -35.53 11.41 16.59
C GLY C 1 -36.77 12.26 16.79
N ARG C 2 -37.75 11.75 17.55
CA ARG C 2 -39.08 12.39 17.75
C ARG C 2 -38.90 13.76 18.42
N LYS C 3 -37.84 13.93 19.20
CA LYS C 3 -37.43 15.21 19.83
C LYS C 3 -35.91 15.37 19.62
N LYS C 4 -35.44 16.59 19.39
CA LYS C 4 -33.99 16.91 19.38
C LYS C 4 -33.51 16.94 20.84
N ILE C 5 -32.45 16.19 21.17
CA ILE C 5 -31.89 16.10 22.54
C ILE C 5 -30.54 16.81 22.54
N GLN C 6 -30.23 17.54 23.61
CA GLN C 6 -28.88 18.12 23.88
C GLN C 6 -27.94 16.97 24.27
N ILE C 7 -26.66 17.08 23.94
CA ILE C 7 -25.63 16.04 24.27
C ILE C 7 -25.09 16.36 25.67
N SER C 8 -25.78 15.88 26.69
CA SER C 8 -25.44 15.97 28.13
C SER C 8 -25.97 14.72 28.84
N ARG C 9 -25.43 14.39 30.02
CA ARG C 9 -25.81 13.20 30.81
C ARG C 9 -27.34 13.03 30.77
N ILE C 10 -27.80 11.86 30.30
CA ILE C 10 -29.27 11.57 30.24
C ILE C 10 -29.80 11.40 31.66
N LEU C 11 -30.75 12.24 32.06
CA LEU C 11 -31.33 12.21 33.43
C LEU C 11 -31.88 10.81 33.72
N ASP C 12 -32.93 10.40 33.00
CA ASP C 12 -33.57 9.07 33.20
C ASP C 12 -32.49 7.98 33.18
N GLN C 13 -32.49 7.12 34.21
CA GLN C 13 -31.51 6.01 34.30
C GLN C 13 -31.91 4.91 33.30
N ARG C 14 -33.20 4.57 33.26
CA ARG C 14 -33.71 3.52 32.33
C ARG C 14 -33.44 3.99 30.89
N ASN C 15 -33.69 5.28 30.60
CA ASN C 15 -33.45 5.84 29.25
C ASN C 15 -31.96 5.73 28.92
N ARG C 16 -31.11 6.02 29.91
CA ARG C 16 -29.63 5.94 29.73
C ARG C 16 -29.23 4.55 29.22
N GLN C 17 -29.83 3.49 29.78
CA GLN C 17 -29.47 2.09 29.46
C GLN C 17 -29.98 1.70 28.07
N VAL C 18 -31.18 2.15 27.69
CA VAL C 18 -31.78 1.86 26.35
C VAL C 18 -30.97 2.61 25.28
N THR C 19 -30.73 3.91 25.49
CA THR C 19 -29.94 4.78 24.59
C THR C 19 -28.56 4.16 24.41
N PHE C 20 -27.93 3.71 25.51
CA PHE C 20 -26.59 3.09 25.48
C PHE C 20 -26.55 1.91 24.50
N THR C 21 -27.43 0.92 24.67
CA THR C 21 -27.42 -0.32 23.84
C THR C 21 -27.64 0.03 22.37
N LYS C 22 -28.58 0.94 22.08
CA LYS C 22 -28.88 1.43 20.70
C LYS C 22 -27.61 2.05 20.07
N ARG C 23 -27.05 3.04 20.75
CA ARG C 23 -25.97 3.90 20.21
C ARG C 23 -24.64 3.13 20.18
N LYS C 24 -24.49 2.09 21.01
CA LYS C 24 -23.29 1.21 21.02
C LYS C 24 -23.29 0.40 19.73
N PHE C 25 -24.44 -0.16 19.37
CA PHE C 25 -24.60 -0.90 18.09
C PHE C 25 -24.31 0.05 16.92
N GLY C 26 -24.97 1.21 16.91
CA GLY C 26 -24.79 2.27 15.90
C GLY C 26 -23.32 2.65 15.71
N LEU C 27 -22.59 2.80 16.82
CA LEU C 27 -21.16 3.18 16.84
C LEU C 27 -20.33 2.05 16.22
N MET C 28 -20.56 0.82 16.64
CA MET C 28 -19.84 -0.37 16.10
C MET C 28 -20.16 -0.53 14.61
N LYS C 29 -21.41 -0.29 14.21
CA LYS C 29 -21.82 -0.37 12.79
C LYS C 29 -21.02 0.65 11.96
N LYS C 30 -20.94 1.90 12.42
CA LYS C 30 -20.19 2.98 11.72
C LYS C 30 -18.69 2.62 11.69
N ALA C 31 -18.15 2.10 12.79
CA ALA C 31 -16.74 1.63 12.86
C ALA C 31 -16.52 0.54 11.80
N TYR C 32 -17.45 -0.40 11.65
CA TYR C 32 -17.39 -1.49 10.65
C TYR C 32 -17.36 -0.89 9.24
N GLU C 33 -18.29 0.02 8.96
CA GLU C 33 -18.46 0.69 7.64
C GLU C 33 -17.15 1.39 7.27
N LEU C 34 -16.60 2.18 8.19
CA LEU C 34 -15.32 2.91 7.99
C LEU C 34 -14.21 1.90 7.66
N SER C 35 -14.07 0.86 8.49
CA SER C 35 -13.03 -0.20 8.35
C SER C 35 -13.04 -0.77 6.93
N VAL C 36 -14.22 -1.10 6.41
CA VAL C 36 -14.42 -1.77 5.09
C VAL C 36 -14.25 -0.74 3.96
N LEU C 37 -14.92 0.41 4.05
CA LEU C 37 -14.94 1.46 2.99
C LEU C 37 -13.52 1.99 2.75
N CYS C 38 -12.76 2.27 3.82
CA CYS C 38 -11.48 3.02 3.75
C CYS C 38 -10.29 2.12 4.11
N ASP C 39 -10.49 0.81 4.16
CA ASP C 39 -9.40 -0.17 4.41
C ASP C 39 -8.59 0.29 5.62
N CYS C 40 -9.21 0.26 6.81
CA CYS C 40 -8.69 0.79 8.09
C CYS C 40 -8.69 -0.31 9.16
N GLU C 41 -7.76 -0.24 10.10
CA GLU C 41 -7.75 -1.10 11.32
C GLU C 41 -8.27 -0.27 12.48
N ILE C 42 -9.44 -0.64 13.04
CA ILE C 42 -10.10 0.10 14.15
C ILE C 42 -10.22 -0.79 15.38
N ALA C 43 -10.01 -0.21 16.56
CA ALA C 43 -10.28 -0.82 17.89
C ALA C 43 -11.17 0.13 18.67
N LEU C 44 -12.22 -0.39 19.29
CA LEU C 44 -13.22 0.37 20.10
C LEU C 44 -13.42 -0.34 21.43
N ILE C 45 -13.10 0.33 22.54
CA ILE C 45 -13.25 -0.22 23.93
C ILE C 45 -14.24 0.67 24.69
N ILE C 46 -15.34 0.10 25.18
CA ILE C 46 -16.44 0.83 25.89
C ILE C 46 -16.65 0.19 27.27
N PHE C 47 -16.56 0.98 28.34
CA PHE C 47 -16.94 0.62 29.72
C PHE C 47 -18.18 1.42 30.12
N ASN C 48 -19.31 0.75 30.37
CA ASN C 48 -20.59 1.41 30.75
C ASN C 48 -20.51 1.85 32.21
N SER C 49 -21.56 2.53 32.69
CA SER C 49 -21.68 3.05 34.09
C SER C 49 -21.37 1.96 35.12
N ALA C 50 -21.74 0.70 34.82
CA ALA C 50 -21.58 -0.47 35.72
C ALA C 50 -20.20 -1.13 35.55
N ASN C 51 -19.31 -0.52 34.75
CA ASN C 51 -17.91 -0.97 34.51
C ASN C 51 -17.88 -2.31 33.77
N ARG C 52 -18.93 -2.62 32.99
CA ARG C 52 -18.97 -3.81 32.09
C ARG C 52 -18.31 -3.44 30.76
N LEU C 53 -17.50 -4.34 30.20
CA LEU C 53 -16.67 -4.10 29.00
C LEU C 53 -17.44 -4.56 27.75
N PHE C 54 -17.39 -3.75 26.69
CA PHE C 54 -17.85 -4.10 25.31
C PHE C 54 -16.77 -3.64 24.34
N GLN C 55 -16.33 -4.50 23.41
CA GLN C 55 -15.22 -4.18 22.49
C GLN C 55 -15.58 -4.59 21.05
N TYR C 56 -15.14 -3.77 20.10
CA TYR C 56 -15.09 -4.07 18.64
C TYR C 56 -13.64 -3.91 18.16
N ALA C 57 -13.21 -4.81 17.26
CA ALA C 57 -11.96 -4.64 16.48
C ALA C 57 -12.23 -5.08 15.03
N SER C 58 -11.72 -4.36 14.04
CA SER C 58 -11.89 -4.72 12.61
C SER C 58 -11.47 -6.18 12.39
N THR C 59 -10.22 -6.52 12.73
CA THR C 59 -9.65 -7.89 12.59
C THR C 59 -9.40 -8.49 13.98
N ASP C 60 -8.52 -7.87 14.77
CA ASP C 60 -7.97 -8.45 16.02
C ASP C 60 -7.46 -7.33 16.94
N MET C 61 -8.05 -7.24 18.13
CA MET C 61 -7.78 -6.21 19.16
C MET C 61 -6.27 -6.18 19.48
N ASP C 62 -5.66 -7.34 19.71
CA ASP C 62 -4.26 -7.45 20.21
C ASP C 62 -3.31 -6.81 19.19
N ARG C 63 -3.48 -7.11 17.89
CA ARG C 63 -2.59 -6.60 16.81
C ARG C 63 -2.71 -5.08 16.72
N VAL C 64 -3.92 -4.51 16.85
CA VAL C 64 -4.14 -3.04 16.80
C VAL C 64 -3.46 -2.39 18.01
N LEU C 65 -3.66 -2.93 19.22
CA LEU C 65 -3.08 -2.38 20.48
C LEU C 65 -1.55 -2.48 20.45
N LEU C 66 -1.00 -3.56 19.90
CA LEU C 66 0.47 -3.71 19.68
C LEU C 66 0.95 -2.56 18.79
N LYS C 67 0.31 -2.37 17.63
CA LYS C 67 0.64 -1.30 16.65
C LYS C 67 0.54 0.07 17.33
N TYR C 68 -0.40 0.23 18.27
CA TYR C 68 -0.63 1.49 19.04
C TYR C 68 0.56 1.75 19.97
N THR C 69 0.91 0.78 20.81
CA THR C 69 2.00 0.88 21.82
C THR C 69 3.31 1.32 21.16
N GLU C 70 3.58 0.84 19.93
CA GLU C 70 4.86 1.02 19.20
C GLU C 70 4.83 2.23 18.24
N TYR C 71 3.71 2.95 18.16
CA TYR C 71 3.57 4.20 17.36
C TYR C 71 4.15 5.36 18.19
N SER C 72 5.32 5.89 17.81
CA SER C 72 6.08 6.88 18.61
C SER C 72 5.94 8.30 18.05
N GLU C 73 5.16 8.52 16.98
CA GLU C 73 5.03 9.82 16.29
C GLU C 73 3.84 10.59 16.87
N PRO C 74 3.80 11.93 16.76
CA PRO C 74 2.60 12.70 17.10
C PRO C 74 1.46 12.38 16.13
N HIS C 75 0.22 12.47 16.62
CA HIS C 75 -1.01 12.05 15.90
C HIS C 75 -2.21 12.84 16.43
N GLU C 76 -3.29 12.88 15.64
CA GLU C 76 -4.62 13.38 16.08
C GLU C 76 -5.05 12.57 17.31
N SER C 77 -5.21 13.25 18.45
CA SER C 77 -5.54 12.65 19.77
C SER C 77 -6.60 13.51 20.48
N ARG C 78 -7.86 13.05 20.51
CA ARG C 78 -9.01 13.84 21.05
C ARG C 78 -9.50 13.27 22.40
N THR C 79 -9.92 14.18 23.29
CA THR C 79 -10.70 13.87 24.52
C THR C 79 -12.05 14.59 24.43
N ASN C 80 -12.98 14.22 25.32
CA ASN C 80 -14.34 14.82 25.40
C ASN C 80 -14.20 16.34 25.53
N THR C 81 -13.23 16.84 26.29
CA THR C 81 -13.04 18.30 26.54
C THR C 81 -12.80 19.01 25.20
N ASP C 82 -11.75 18.60 24.47
CA ASP C 82 -11.34 19.19 23.17
C ASP C 82 -12.50 19.11 22.16
N ILE C 83 -13.22 17.98 22.17
CA ILE C 83 -14.39 17.74 21.26
C ILE C 83 -15.47 18.80 21.56
N LEU C 84 -15.84 18.96 22.84
CA LEU C 84 -16.89 19.91 23.30
C LEU C 84 -16.61 21.28 22.70
N GLU C 85 -15.35 21.74 22.75
CA GLU C 85 -14.92 23.08 22.25
C GLU C 85 -15.11 23.13 20.73
N THR C 86 -14.67 22.09 20.01
CA THR C 86 -14.75 22.02 18.53
C THR C 86 -16.22 22.06 18.07
N LEU C 87 -17.16 21.52 18.86
CA LEU C 87 -18.60 21.45 18.49
C LEU C 87 -19.30 22.78 18.82
N LYS C 88 -18.88 23.45 19.89
CA LYS C 88 -19.53 24.70 20.38
C LYS C 88 -19.18 25.85 19.43
N ARG C 89 -18.04 25.77 18.73
CA ARG C 89 -17.66 26.70 17.64
C ARG C 89 -18.02 26.07 16.29
N ARG C 90 -19.32 25.90 16.00
CA ARG C 90 -19.82 25.15 14.81
C ARG C 90 -21.34 25.33 14.67
N GLY D 1 -26.33 9.60 1.80
CA GLY D 1 -26.09 10.84 0.99
C GLY D 1 -26.95 10.88 -0.25
N ARG D 2 -26.49 11.57 -1.31
CA ARG D 2 -27.22 11.82 -2.57
C ARG D 2 -27.57 10.49 -3.24
N LYS D 3 -26.74 9.46 -3.04
CA LYS D 3 -26.96 8.07 -3.52
C LYS D 3 -26.62 7.11 -2.37
N LYS D 4 -27.28 5.94 -2.34
CA LYS D 4 -26.94 4.81 -1.44
C LYS D 4 -25.65 4.16 -1.96
N ILE D 5 -24.64 4.00 -1.09
CA ILE D 5 -23.35 3.33 -1.44
C ILE D 5 -23.33 1.93 -0.81
N GLN D 6 -22.82 0.95 -1.56
CA GLN D 6 -22.54 -0.43 -1.08
C GLN D 6 -21.32 -0.36 -0.15
N ILE D 7 -21.28 -1.22 0.86
CA ILE D 7 -20.15 -1.32 1.83
C ILE D 7 -19.10 -2.28 1.22
N SER D 8 -18.21 -1.72 0.39
CA SER D 8 -17.00 -2.39 -0.15
C SER D 8 -15.88 -1.36 -0.25
N ARG D 9 -14.62 -1.81 -0.23
CA ARG D 9 -13.42 -0.93 -0.38
C ARG D 9 -13.68 0.08 -1.50
N ILE D 10 -13.62 1.38 -1.18
CA ILE D 10 -13.68 2.49 -2.17
C ILE D 10 -12.44 2.39 -3.07
N LEU D 11 -12.66 2.24 -4.37
CA LEU D 11 -11.62 1.93 -5.39
C LEU D 11 -10.69 3.14 -5.56
N ASP D 12 -11.23 4.37 -5.58
CA ASP D 12 -10.52 5.62 -5.94
C ASP D 12 -9.84 6.21 -4.69
N GLN D 13 -8.50 6.20 -4.67
CA GLN D 13 -7.66 6.61 -3.52
C GLN D 13 -8.15 7.94 -2.93
N ARG D 14 -8.43 8.94 -3.77
CA ARG D 14 -8.76 10.32 -3.31
C ARG D 14 -10.16 10.33 -2.68
N ASN D 15 -11.14 9.69 -3.33
CA ASN D 15 -12.49 9.45 -2.74
C ASN D 15 -12.35 8.76 -1.39
N ARG D 16 -11.51 7.73 -1.31
CA ARG D 16 -11.27 6.96 -0.06
C ARG D 16 -10.78 7.89 1.05
N GLN D 17 -9.90 8.84 0.72
CA GLN D 17 -9.24 9.75 1.71
C GLN D 17 -10.26 10.80 2.18
N VAL D 18 -11.12 11.32 1.30
CA VAL D 18 -12.16 12.32 1.69
C VAL D 18 -13.22 11.62 2.57
N THR D 19 -13.71 10.47 2.13
CA THR D 19 -14.71 9.64 2.86
C THR D 19 -14.13 9.30 4.25
N PHE D 20 -12.86 8.90 4.31
CA PHE D 20 -12.16 8.54 5.57
C PHE D 20 -12.24 9.69 6.56
N THR D 21 -11.77 10.90 6.19
CA THR D 21 -11.70 12.06 7.12
C THR D 21 -13.11 12.43 7.59
N LYS D 22 -14.11 12.43 6.70
CA LYS D 22 -15.54 12.68 7.04
C LYS D 22 -16.02 11.67 8.11
N ARG D 23 -15.89 10.38 7.81
CA ARG D 23 -16.48 9.28 8.61
C ARG D 23 -15.70 9.09 9.92
N LYS D 24 -14.43 9.50 9.96
CA LYS D 24 -13.57 9.45 11.18
C LYS D 24 -14.10 10.48 12.16
N PHE D 25 -14.39 11.70 11.68
CA PHE D 25 -14.99 12.78 12.51
C PHE D 25 -16.35 12.28 13.03
N GLY D 26 -17.21 11.81 12.12
CA GLY D 26 -18.54 11.25 12.45
C GLY D 26 -18.48 10.19 13.52
N LEU D 27 -17.51 9.28 13.43
CA LEU D 27 -17.32 8.15 14.38
C LEU D 27 -16.89 8.70 15.74
N MET D 28 -15.92 9.61 15.76
CA MET D 28 -15.44 10.24 17.03
C MET D 28 -16.57 11.06 17.65
N LYS D 29 -17.37 11.75 16.83
CA LYS D 29 -18.53 12.55 17.30
C LYS D 29 -19.52 11.62 18.00
N LYS D 30 -19.87 10.49 17.38
CA LYS D 30 -20.83 9.50 17.95
C LYS D 30 -20.24 8.90 19.23
N ALA D 31 -18.95 8.59 19.25
CA ALA D 31 -18.24 8.09 20.45
C ALA D 31 -18.37 9.11 21.58
N TYR D 32 -18.19 10.40 21.27
CA TYR D 32 -18.30 11.52 22.24
C TYR D 32 -19.73 11.57 22.80
N GLU D 33 -20.72 11.54 21.91
CA GLU D 33 -22.17 11.61 22.23
C GLU D 33 -22.51 10.47 23.19
N LEU D 34 -22.12 9.25 22.86
CA LEU D 34 -22.37 8.05 23.70
C LEU D 34 -21.74 8.28 25.09
N SER D 35 -20.46 8.65 25.12
CA SER D 35 -19.68 8.86 26.37
C SER D 35 -20.44 9.80 27.32
N VAL D 36 -20.95 10.92 26.80
CA VAL D 36 -21.61 12.01 27.56
C VAL D 36 -23.04 11.59 27.93
N LEU D 37 -23.81 11.09 26.97
CA LEU D 37 -25.24 10.71 27.14
C LEU D 37 -25.38 9.61 28.21
N CYS D 38 -24.52 8.58 28.14
CA CYS D 38 -24.65 7.33 28.93
C CYS D 38 -23.56 7.20 30.00
N ASP D 39 -22.79 8.26 30.24
CA ASP D 39 -21.73 8.31 31.28
C ASP D 39 -20.86 7.05 31.15
N CYS D 40 -20.13 6.91 30.03
CA CYS D 40 -19.27 5.72 29.76
C CYS D 40 -17.85 6.15 29.38
N GLU D 41 -16.88 5.25 29.60
CA GLU D 41 -15.45 5.44 29.25
C GLU D 41 -15.17 4.72 27.93
N ILE D 42 -14.83 5.48 26.88
CA ILE D 42 -14.63 4.98 25.49
C ILE D 42 -13.19 5.27 25.05
N ALA D 43 -12.58 4.32 24.36
CA ALA D 43 -11.30 4.47 23.63
C ALA D 43 -11.50 4.02 22.18
N LEU D 44 -11.03 4.83 21.22
CA LEU D 44 -11.14 4.57 19.77
C LEU D 44 -9.77 4.75 19.14
N ILE D 45 -9.22 3.68 18.54
CA ILE D 45 -7.90 3.68 17.86
C ILE D 45 -8.14 3.36 16.38
N ILE D 46 -7.73 4.25 15.48
CA ILE D 46 -7.90 4.11 14.00
C ILE D 46 -6.52 4.21 13.33
N PHE D 47 -6.15 3.19 12.56
CA PHE D 47 -4.96 3.18 11.67
C PHE D 47 -5.44 3.16 10.21
N ASN D 48 -5.15 4.22 9.45
CA ASN D 48 -5.58 4.35 8.03
C ASN D 48 -4.68 3.46 7.16
N SER D 49 -4.98 3.41 5.84
CA SER D 49 -4.25 2.59 4.85
C SER D 49 -2.74 2.86 4.92
N ALA D 50 -2.34 4.10 5.23
CA ALA D 50 -0.93 4.55 5.29
C ALA D 50 -0.31 4.30 6.68
N ASN D 51 -1.04 3.61 7.57
CA ASN D 51 -0.60 3.19 8.93
C ASN D 51 -0.39 4.42 9.82
N ARG D 52 -1.08 5.54 9.56
CA ARG D 52 -1.07 6.75 10.42
C ARG D 52 -2.15 6.56 11.50
N LEU D 53 -1.83 6.96 12.73
CA LEU D 53 -2.68 6.74 13.93
C LEU D 53 -3.57 7.96 14.16
N PHE D 54 -4.84 7.73 14.48
CA PHE D 54 -5.83 8.73 14.97
C PHE D 54 -6.56 8.11 16.17
N GLN D 55 -6.61 8.82 17.30
CA GLN D 55 -7.19 8.25 18.54
C GLN D 55 -8.13 9.25 19.21
N TYR D 56 -9.23 8.73 19.77
CA TYR D 56 -10.15 9.42 20.71
C TYR D 56 -10.20 8.62 22.01
N ALA D 57 -10.28 9.33 23.15
CA ALA D 57 -10.62 8.74 24.46
C ALA D 57 -11.54 9.73 25.20
N SER D 58 -12.58 9.23 25.87
CA SER D 58 -13.54 10.07 26.63
C SER D 58 -12.77 10.96 27.60
N THR D 59 -11.96 10.36 28.48
CA THR D 59 -11.18 11.05 29.55
C THR D 59 -9.68 10.98 29.23
N ASP D 60 -9.14 9.76 29.15
CA ASP D 60 -7.67 9.49 29.06
C ASP D 60 -7.44 8.07 28.56
N MET D 61 -6.75 7.93 27.43
CA MET D 61 -6.48 6.64 26.74
C MET D 61 -5.84 5.64 27.70
N ASP D 62 -4.82 6.08 28.44
CA ASP D 62 -3.99 5.18 29.29
C ASP D 62 -4.87 4.51 30.36
N ARG D 63 -5.73 5.29 31.02
CA ARG D 63 -6.67 4.84 32.10
C ARG D 63 -7.59 3.75 31.55
N VAL D 64 -8.17 3.98 30.35
CA VAL D 64 -9.12 3.02 29.71
C VAL D 64 -8.37 1.73 29.37
N LEU D 65 -7.19 1.82 28.74
CA LEU D 65 -6.36 0.66 28.31
C LEU D 65 -5.90 -0.14 29.54
N LEU D 66 -5.55 0.54 30.63
CA LEU D 66 -5.20 -0.12 31.92
C LEU D 66 -6.40 -0.94 32.38
N LYS D 67 -7.58 -0.31 32.47
CA LYS D 67 -8.84 -0.96 32.90
C LYS D 67 -9.16 -2.15 32.00
N TYR D 68 -8.81 -2.06 30.70
CA TYR D 68 -9.01 -3.12 29.68
C TYR D 68 -8.11 -4.32 29.98
N THR D 69 -6.81 -4.09 30.11
CA THR D 69 -5.77 -5.13 30.34
C THR D 69 -6.14 -5.99 31.56
N GLU D 70 -6.66 -5.36 32.62
CA GLU D 70 -7.04 -6.08 33.86
C GLU D 70 -8.34 -6.86 33.61
N TYR D 71 -9.28 -6.27 32.87
CA TYR D 71 -10.58 -6.93 32.56
C TYR D 71 -10.31 -8.33 31.99
N SER D 72 -10.50 -9.37 32.82
CA SER D 72 -10.27 -10.77 32.39
C SER D 72 -11.59 -11.55 32.44
N GLU D 73 -12.72 -10.83 32.46
CA GLU D 73 -14.06 -11.46 32.50
C GLU D 73 -14.64 -11.51 31.08
N PRO D 74 -15.75 -12.25 30.83
CA PRO D 74 -16.36 -12.33 29.50
C PRO D 74 -17.17 -11.07 29.18
N HIS D 75 -16.97 -10.52 27.98
CA HIS D 75 -17.70 -9.28 27.56
C HIS D 75 -17.94 -9.33 26.04
N GLU D 76 -18.89 -8.53 25.55
CA GLU D 76 -19.21 -8.48 24.10
C GLU D 76 -17.95 -8.17 23.30
N SER D 77 -17.57 -9.07 22.38
CA SER D 77 -16.35 -8.87 21.56
C SER D 77 -16.69 -9.07 20.07
N ARG D 78 -16.82 -7.97 19.33
CA ARG D 78 -17.34 -7.95 17.93
C ARG D 78 -16.22 -7.66 16.93
N THR D 79 -16.28 -8.33 15.78
CA THR D 79 -15.38 -8.17 14.60
C THR D 79 -16.25 -7.82 13.39
N ASN D 80 -15.62 -7.37 12.30
CA ASN D 80 -16.31 -7.03 11.02
C ASN D 80 -17.14 -8.23 10.57
N THR D 81 -16.61 -9.45 10.73
CA THR D 81 -17.27 -10.70 10.26
C THR D 81 -18.61 -10.85 10.99
N ASP D 82 -18.60 -10.88 12.34
CA ASP D 82 -19.84 -11.11 13.14
C ASP D 82 -20.80 -9.92 12.95
N ILE D 83 -20.30 -8.70 12.70
CA ILE D 83 -21.18 -7.51 12.40
C ILE D 83 -21.93 -7.79 11.09
N LEU D 84 -21.23 -8.19 10.03
CA LEU D 84 -21.81 -8.49 8.70
C LEU D 84 -23.01 -9.43 8.87
N GLU D 85 -22.86 -10.48 9.69
CA GLU D 85 -23.91 -11.50 9.97
C GLU D 85 -25.10 -10.83 10.67
N THR D 86 -24.84 -10.01 11.70
CA THR D 86 -25.89 -9.30 12.49
C THR D 86 -26.71 -8.37 11.60
N LEU D 87 -26.10 -7.79 10.56
CA LEU D 87 -26.77 -6.82 9.65
C LEU D 87 -27.59 -7.58 8.58
N LYS D 88 -27.12 -8.75 8.14
CA LYS D 88 -27.78 -9.56 7.08
C LYS D 88 -29.10 -10.16 7.59
N ARG D 89 -29.05 -10.84 8.74
CA ARG D 89 -30.27 -11.28 9.48
C ARG D 89 -30.87 -10.00 10.07
N ARG D 90 -32.17 -9.80 9.91
CA ARG D 90 -32.96 -8.59 10.30
C ARG D 90 -32.72 -7.48 9.27
N ARG I 3 37.61 -20.62 -20.97
CA ARG I 3 37.88 -19.22 -21.44
C ARG I 3 38.72 -18.45 -20.40
N VAL I 4 39.00 -19.08 -19.24
CA VAL I 4 40.19 -18.93 -18.34
C VAL I 4 40.43 -17.47 -17.89
N LEU I 5 40.52 -17.29 -16.56
CA LEU I 5 40.88 -16.03 -15.87
C LEU I 5 42.39 -16.05 -15.56
N PHE I 6 42.99 -14.89 -15.28
CA PHE I 6 44.41 -14.75 -14.89
C PHE I 6 44.59 -15.15 -13.42
N SER I 7 45.80 -15.61 -13.08
CA SER I 7 46.27 -15.92 -11.71
C SER I 7 46.18 -14.66 -10.84
N GLN I 8 46.08 -14.83 -9.52
CA GLN I 8 46.01 -13.69 -8.55
C GLN I 8 47.38 -13.00 -8.46
N ALA I 9 48.45 -13.66 -8.92
CA ALA I 9 49.83 -13.09 -8.97
C ALA I 9 49.97 -12.20 -10.22
N GLN I 10 49.46 -12.72 -11.35
CA GLN I 10 49.34 -11.97 -12.62
C GLN I 10 48.52 -10.69 -12.36
N VAL I 11 47.36 -10.84 -11.73
CA VAL I 11 46.41 -9.72 -11.50
C VAL I 11 47.00 -8.76 -10.47
N TYR I 12 47.69 -9.26 -9.44
CA TYR I 12 48.35 -8.45 -8.39
C TYR I 12 49.35 -7.50 -9.07
N GLU I 13 50.18 -8.02 -9.97
CA GLU I 13 51.24 -7.22 -10.65
C GLU I 13 50.61 -6.27 -11.67
N LEU I 14 49.62 -6.73 -12.44
CA LEU I 14 48.86 -5.87 -13.38
C LEU I 14 48.30 -4.64 -12.66
N GLU I 15 47.67 -4.88 -11.49
CA GLU I 15 46.99 -3.84 -10.67
C GLU I 15 48.05 -2.91 -10.04
N ARG I 16 49.09 -3.48 -9.43
CA ARG I 16 50.23 -2.72 -8.84
C ARG I 16 50.81 -1.77 -9.89
N ARG I 17 50.95 -2.24 -11.13
CA ARG I 17 51.51 -1.48 -12.27
C ARG I 17 50.50 -0.40 -12.70
N PHE I 18 49.21 -0.73 -12.71
CA PHE I 18 48.10 0.18 -13.10
C PHE I 18 48.01 1.37 -12.13
N LYS I 19 48.29 1.14 -10.84
CA LYS I 19 48.28 2.19 -9.79
C LYS I 19 49.38 3.22 -10.08
N GLN I 20 50.48 2.79 -10.70
CA GLN I 20 51.63 3.65 -11.08
C GLN I 20 51.36 4.32 -12.43
N GLN I 21 50.78 3.58 -13.39
CA GLN I 21 50.61 4.02 -14.80
C GLN I 21 49.29 3.45 -15.34
N ARG I 22 48.36 4.32 -15.75
CA ARG I 22 47.07 3.94 -16.39
C ARG I 22 47.32 3.48 -17.83
N TYR I 23 48.39 3.98 -18.46
CA TYR I 23 48.80 3.70 -19.85
C TYR I 23 50.23 3.16 -19.89
N LEU I 24 50.46 2.15 -20.72
CA LEU I 24 51.80 1.58 -21.03
C LEU I 24 52.13 1.87 -22.50
N SER I 25 53.42 2.05 -22.80
CA SER I 25 53.98 2.04 -24.18
C SER I 25 54.03 0.59 -24.66
N ALA I 26 54.14 0.37 -25.98
CA ALA I 26 54.20 -0.98 -26.60
C ALA I 26 55.38 -1.77 -26.02
N PRO I 27 56.61 -1.20 -25.99
CA PRO I 27 57.76 -1.90 -25.39
C PRO I 27 57.55 -2.28 -23.92
N GLU I 28 57.16 -1.29 -23.09
CA GLU I 28 56.76 -1.46 -21.67
C GLU I 28 55.78 -2.64 -21.54
N ARG I 29 54.75 -2.65 -22.38
CA ARG I 29 53.67 -3.67 -22.43
C ARG I 29 54.27 -5.05 -22.68
N ASP I 30 55.11 -5.18 -23.71
CA ASP I 30 55.78 -6.45 -24.10
C ASP I 30 56.60 -6.97 -22.91
N GLN I 31 57.41 -6.08 -22.33
CA GLN I 31 58.30 -6.40 -21.17
C GLN I 31 57.45 -6.98 -20.03
N LEU I 32 56.32 -6.34 -19.70
CA LEU I 32 55.40 -6.79 -18.64
C LEU I 32 54.82 -8.16 -19.00
N ALA I 33 54.23 -8.29 -20.19
CA ALA I 33 53.63 -9.53 -20.73
C ALA I 33 54.60 -10.69 -20.51
N SER I 34 55.87 -10.49 -20.87
CA SER I 34 56.95 -11.50 -20.74
C SER I 34 56.97 -12.01 -19.29
N VAL I 35 57.13 -11.10 -18.34
CA VAL I 35 57.26 -11.41 -16.88
C VAL I 35 55.99 -12.15 -16.39
N LEU I 36 54.80 -11.60 -16.67
CA LEU I 36 53.51 -12.16 -16.19
C LEU I 36 53.21 -13.50 -16.87
N LYS I 37 53.88 -13.79 -17.99
CA LYS I 37 53.63 -15.00 -18.82
C LYS I 37 52.27 -14.85 -19.54
N LEU I 38 51.95 -13.64 -20.01
CA LEU I 38 50.76 -13.33 -20.85
C LEU I 38 51.22 -12.93 -22.25
N THR I 39 50.27 -12.61 -23.14
CA THR I 39 50.54 -12.03 -24.48
C THR I 39 50.40 -10.50 -24.42
N SER I 40 51.02 -9.80 -25.37
CA SER I 40 50.93 -8.33 -25.54
C SER I 40 49.46 -7.93 -25.66
N THR I 41 48.69 -8.64 -26.49
CA THR I 41 47.23 -8.44 -26.71
C THR I 41 46.47 -8.49 -25.37
N GLN I 42 46.79 -9.50 -24.55
CA GLN I 42 46.14 -9.76 -23.24
C GLN I 42 46.41 -8.59 -22.29
N VAL I 43 47.64 -8.10 -22.21
CA VAL I 43 47.99 -6.95 -21.33
C VAL I 43 47.32 -5.67 -21.87
N LYS I 44 47.43 -5.43 -23.18
CA LYS I 44 46.75 -4.32 -23.88
C LYS I 44 45.29 -4.25 -23.43
N ILE I 45 44.55 -5.36 -23.65
CA ILE I 45 43.07 -5.41 -23.45
C ILE I 45 42.77 -5.38 -21.94
N TRP I 46 43.62 -5.99 -21.11
CA TRP I 46 43.46 -5.90 -19.64
C TRP I 46 43.44 -4.42 -19.24
N PHE I 47 44.43 -3.64 -19.69
CA PHE I 47 44.58 -2.19 -19.38
C PHE I 47 43.39 -1.40 -19.95
N GLN I 48 42.94 -1.75 -21.15
CA GLN I 48 41.75 -1.13 -21.80
C GLN I 48 40.52 -1.31 -20.88
N ASN I 49 40.25 -2.55 -20.47
CA ASN I 49 39.10 -2.95 -19.60
C ASN I 49 39.21 -2.27 -18.24
N ARG I 50 40.38 -2.35 -17.60
CA ARG I 50 40.65 -1.77 -16.26
C ARG I 50 40.40 -0.26 -16.30
N ARG I 51 40.82 0.40 -17.38
CA ARG I 51 40.62 1.86 -17.60
C ARG I 51 39.11 2.14 -17.68
N TYR I 52 38.37 1.33 -18.44
CA TYR I 52 36.91 1.49 -18.60
C TYR I 52 36.25 1.39 -17.21
N LYS I 53 36.56 0.31 -16.47
CA LYS I 53 35.95 0.00 -15.15
C LYS I 53 36.30 1.11 -14.15
N SER I 54 37.50 1.67 -14.23
CA SER I 54 37.99 2.77 -13.34
C SER I 54 37.05 3.98 -13.39
N LYS I 55 36.42 4.24 -14.53
CA LYS I 55 35.52 5.41 -14.76
C LYS I 55 34.10 5.03 -14.33
N ARG I 56 33.70 3.77 -14.53
CA ARG I 56 32.46 3.18 -13.97
C ARG I 56 32.63 2.93 -12.46
N GLN I 57 33.82 3.23 -11.90
CA GLN I 57 34.23 3.06 -10.49
C GLN I 57 33.56 1.82 -9.89
N LYS J 1 -22.49 30.62 1.82
CA LYS J 1 -23.40 31.42 0.95
C LYS J 1 -24.19 30.49 0.03
N PRO J 2 -25.48 30.80 -0.24
CA PRO J 2 -26.38 29.83 -0.88
C PRO J 2 -26.01 29.56 -2.34
N ARG J 3 -26.02 28.27 -2.73
CA ARG J 3 -25.71 27.77 -4.10
C ARG J 3 -27.00 27.30 -4.76
N VAL J 4 -26.97 27.05 -6.07
CA VAL J 4 -28.06 26.37 -6.84
C VAL J 4 -27.46 25.20 -7.63
N LEU J 5 -28.11 24.02 -7.56
CA LEU J 5 -27.77 22.82 -8.36
C LEU J 5 -28.66 22.80 -9.61
N PHE J 6 -28.17 22.17 -10.69
CA PHE J 6 -28.76 22.24 -12.05
C PHE J 6 -29.93 21.25 -12.14
N SER J 7 -30.93 21.62 -12.96
CA SER J 7 -32.23 20.91 -13.10
C SER J 7 -32.10 19.42 -13.39
N GLN J 8 -30.94 18.98 -13.92
CA GLN J 8 -30.58 17.59 -14.35
C GLN J 8 -31.04 17.30 -15.79
N ALA J 9 -32.13 17.92 -16.24
CA ALA J 9 -32.62 17.80 -17.64
C ALA J 9 -31.67 18.63 -18.51
N GLN J 10 -31.16 19.73 -17.94
CA GLN J 10 -30.15 20.59 -18.59
C GLN J 10 -28.80 19.87 -18.44
N VAL J 11 -28.67 19.09 -17.36
CA VAL J 11 -27.47 18.24 -17.09
C VAL J 11 -27.52 17.08 -18.08
N TYR J 12 -28.74 16.63 -18.42
CA TYR J 12 -28.93 15.57 -19.44
C TYR J 12 -28.44 16.17 -20.77
N GLU J 13 -28.86 17.41 -21.01
CA GLU J 13 -28.45 18.14 -22.22
C GLU J 13 -26.94 18.35 -22.13
N LEU J 14 -26.39 18.37 -20.93
CA LEU J 14 -24.92 18.51 -20.77
C LEU J 14 -24.36 17.11 -20.91
N GLU J 15 -25.04 16.15 -20.27
CA GLU J 15 -24.59 14.74 -20.29
C GLU J 15 -24.53 14.25 -21.72
N ARG J 16 -25.59 14.51 -22.49
CA ARG J 16 -25.69 14.08 -23.90
C ARG J 16 -24.61 14.80 -24.71
N ARG J 17 -24.36 16.06 -24.42
CA ARG J 17 -23.33 16.78 -25.19
C ARG J 17 -21.95 16.27 -24.76
N PHE J 18 -21.80 15.85 -23.51
CA PHE J 18 -20.49 15.35 -23.04
C PHE J 18 -20.18 14.03 -23.75
N LYS J 19 -21.21 13.20 -23.92
CA LYS J 19 -21.06 11.87 -24.56
C LYS J 19 -20.54 12.04 -26.00
N GLN J 20 -20.90 13.15 -26.65
CA GLN J 20 -20.47 13.50 -28.03
C GLN J 20 -19.10 14.19 -28.00
N GLN J 21 -18.88 15.07 -27.03
CA GLN J 21 -17.70 15.98 -26.96
C GLN J 21 -17.29 16.20 -25.50
N ARG J 22 -16.06 15.81 -25.13
CA ARG J 22 -15.55 15.93 -23.74
C ARG J 22 -15.08 17.37 -23.48
N TYR J 23 -14.70 18.11 -24.53
CA TYR J 23 -14.13 19.49 -24.40
C TYR J 23 -14.80 20.41 -25.42
N LEU J 24 -15.16 21.63 -25.01
CA LEU J 24 -15.88 22.64 -25.84
C LEU J 24 -14.96 23.86 -26.07
N SER J 25 -15.10 24.52 -27.21
CA SER J 25 -14.51 25.86 -27.48
C SER J 25 -15.33 26.92 -26.71
N ALA J 26 -14.76 28.10 -26.47
CA ALA J 26 -15.42 29.21 -25.74
C ALA J 26 -16.72 29.59 -26.44
N PRO J 27 -16.73 29.83 -27.77
CA PRO J 27 -17.96 30.16 -28.48
C PRO J 27 -19.04 29.07 -28.37
N GLU J 28 -18.66 27.82 -28.66
CA GLU J 28 -19.50 26.59 -28.49
C GLU J 28 -20.14 26.60 -27.10
N ARG J 29 -19.31 26.84 -26.09
CA ARG J 29 -19.68 26.88 -24.65
C ARG J 29 -20.74 27.94 -24.39
N ASP J 30 -20.50 29.17 -24.88
CA ASP J 30 -21.43 30.33 -24.74
C ASP J 30 -22.78 29.95 -25.35
N GLN J 31 -22.77 29.42 -26.59
CA GLN J 31 -23.97 29.01 -27.35
C GLN J 31 -24.79 28.03 -26.50
N LEU J 32 -24.14 27.01 -25.92
CA LEU J 32 -24.80 26.00 -25.05
C LEU J 32 -25.39 26.68 -23.81
N ALA J 33 -24.55 27.43 -23.07
CA ALA J 33 -24.91 28.18 -21.85
C ALA J 33 -26.22 28.94 -22.08
N SER J 34 -26.34 29.62 -23.23
CA SER J 34 -27.51 30.43 -23.64
C SER J 34 -28.59 29.58 -24.34
N VAL J 35 -28.82 28.34 -23.91
CA VAL J 35 -30.13 27.62 -24.07
C VAL J 35 -30.55 27.26 -22.64
N LEU J 36 -30.00 26.15 -22.13
CA LEU J 36 -29.80 25.73 -20.71
C LEU J 36 -29.94 26.86 -19.67
N LYS J 37 -29.65 28.11 -20.02
CA LYS J 37 -29.91 29.29 -19.15
C LYS J 37 -28.87 29.32 -18.03
N LEU J 38 -27.61 28.96 -18.33
CA LEU J 38 -26.45 29.03 -17.39
C LEU J 38 -25.46 30.09 -17.88
N THR J 39 -24.35 30.29 -17.17
CA THR J 39 -23.23 31.17 -17.61
C THR J 39 -22.11 30.33 -18.24
N SER J 40 -21.27 30.98 -19.04
CA SER J 40 -20.08 30.41 -19.71
C SER J 40 -19.20 29.70 -18.68
N THR J 41 -18.90 30.36 -17.57
CA THR J 41 -17.99 29.82 -16.52
C THR J 41 -18.65 28.60 -15.87
N GLN J 42 -19.98 28.58 -15.72
CA GLN J 42 -20.74 27.43 -15.14
C GLN J 42 -20.62 26.21 -16.05
N VAL J 43 -20.75 26.38 -17.37
CA VAL J 43 -20.60 25.25 -18.34
C VAL J 43 -19.13 24.80 -18.37
N LYS J 44 -18.20 25.76 -18.47
CA LYS J 44 -16.73 25.51 -18.38
C LYS J 44 -16.46 24.57 -17.21
N ILE J 45 -16.83 24.98 -15.99
CA ILE J 45 -16.46 24.26 -14.74
C ILE J 45 -17.28 22.97 -14.63
N TRP J 46 -18.51 22.93 -15.13
CA TRP J 46 -19.30 21.67 -15.21
C TRP J 46 -18.46 20.64 -15.99
N PHE J 47 -17.98 21.01 -17.18
CA PHE J 47 -17.19 20.12 -18.07
C PHE J 47 -15.87 19.74 -17.39
N GLN J 48 -15.23 20.68 -16.69
CA GLN J 48 -13.98 20.42 -15.92
C GLN J 48 -14.23 19.31 -14.89
N ASN J 49 -15.27 19.48 -14.07
CA ASN J 49 -15.68 18.54 -12.99
C ASN J 49 -16.06 17.17 -13.60
N ARG J 50 -16.90 17.17 -14.63
CA ARG J 50 -17.38 15.93 -15.31
C ARG J 50 -16.19 15.15 -15.87
N ARG J 51 -15.20 15.86 -16.44
CA ARG J 51 -13.95 15.26 -16.96
C ARG J 51 -13.17 14.62 -15.80
N TYR J 52 -13.06 15.31 -14.67
CA TYR J 52 -12.36 14.78 -13.46
C TYR J 52 -13.06 13.47 -13.02
N LYS J 53 -14.39 13.53 -12.85
CA LYS J 53 -15.24 12.41 -12.37
C LYS J 53 -15.13 11.22 -13.34
N SER J 54 -15.03 11.49 -14.65
CA SER J 54 -14.90 10.46 -15.72
C SER J 54 -13.70 9.54 -15.43
N LYS J 55 -12.67 10.04 -14.73
CA LYS J 55 -11.44 9.29 -14.38
C LYS J 55 -11.51 8.78 -12.93
#